data_5OOP
#
_entry.id   5OOP
#
_cell.length_a   45.070
_cell.length_b   65.897
_cell.length_c   54.642
_cell.angle_alpha   90.000
_cell.angle_beta   101.350
_cell.angle_gamma   90.000
#
_symmetry.space_group_name_H-M   'P 1 21 1'
#
loop_
_entity.id
_entity.type
_entity.pdbx_description
1 polymer 'Serine/threonine-protein kinase Chk1'
2 non-polymer 'PHOSPHOAMINOPHOSPHONIC ACID-ADENYLATE ESTER'
3 water water
#
_entity_poly.entity_id   1
_entity_poly.type   'polypeptide(L)'
_entity_poly.pdbx_seq_one_letter_code
;MAVPFVEDWDLVQTLGEGAYGEVQLAVNRVTEEAVAVKIVDMKRAVDCPENIKKEICILKMLNHENVIKFYGHRREGNIQ
YLFMELASGGSLFDRIEPDIGMPEPDAQRFFHQLMAGVVYLHGIGITHRDIKPHNLLLDERDNLKIADYSLATVFRYNNR
ERLLNKMCGTLPYVAPELLKRREFHAEPVDVWSCGIVLTAMLAGELPWDQPSDSCQEYSDWKEKKTYLNPWKKIDSAPLA
LLHKILVENPSARITIPDIKKDRWYNKPLKKGAKRPRVTSGGVSESPSGHHHHHHHH
;
_entity_poly.pdbx_strand_id   A
#
loop_
_chem_comp.id
_chem_comp.type
_chem_comp.name
_chem_comp.formula
ANP non-polymer 'PHOSPHOAMINOPHOSPHONIC ACID-ADENYLATE ESTER' 'C10 H17 N6 O12 P3'
#
# COMPACT_ATOMS: atom_id res chain seq x y z
N PHE A 5 -5.41 28.89 -12.21
CA PHE A 5 -4.06 28.32 -12.00
C PHE A 5 -3.77 27.18 -12.94
N VAL A 6 -4.61 26.17 -12.97
CA VAL A 6 -4.50 25.22 -14.08
C VAL A 6 -5.89 25.08 -14.62
N GLU A 7 -6.15 25.66 -15.78
CA GLU A 7 -7.50 25.66 -16.37
C GLU A 7 -8.45 26.21 -15.34
N ASP A 8 -9.51 25.49 -15.00
CA ASP A 8 -10.48 26.01 -14.03
C ASP A 8 -10.04 25.86 -12.58
N TRP A 9 -8.89 25.25 -12.34
CA TRP A 9 -8.49 24.94 -10.95
C TRP A 9 -7.47 25.89 -10.39
N ASP A 10 -7.68 26.30 -9.14
CA ASP A 10 -6.70 27.07 -8.41
C ASP A 10 -5.85 26.19 -7.50
N LEU A 11 -4.51 26.29 -7.61
CA LEU A 11 -3.61 25.48 -6.77
C LEU A 11 -3.29 26.23 -5.51
N VAL A 12 -3.84 25.77 -4.42
CA VAL A 12 -3.87 26.54 -3.18
C VAL A 12 -2.84 26.21 -2.12
N GLN A 13 -2.49 24.94 -1.88
CA GLN A 13 -1.46 24.62 -0.88
C GLN A 13 -0.76 23.30 -1.13
N THR A 14 0.45 23.19 -0.60
CA THR A 14 1.26 21.99 -0.75
C THR A 14 0.73 20.94 0.20
N LEU A 15 0.43 19.76 -0.31
CA LEU A 15 -0.02 18.67 0.53
C LEU A 15 1.10 17.71 0.84
N GLY A 16 2.08 17.61 -0.06
CA GLY A 16 3.21 16.74 0.15
C GLY A 16 4.22 16.89 -0.97
N GLU A 17 5.36 16.20 -0.82
CA GLU A 17 6.47 16.27 -1.77
C GLU A 17 6.90 14.84 -2.12
N GLY A 18 6.88 14.50 -3.40
CA GLY A 18 7.30 13.19 -3.86
C GLY A 18 8.74 13.14 -4.30
N ALA A 19 9.18 12.04 -4.90
CA ALA A 19 10.56 11.97 -5.38
C ALA A 19 10.73 12.98 -6.49
N TYR A 20 9.82 12.88 -7.46
CA TYR A 20 9.78 13.81 -8.58
C TYR A 20 8.38 14.36 -8.63
N GLY A 21 8.12 15.37 -7.81
CA GLY A 21 6.87 16.09 -7.89
C GLY A 21 6.01 16.20 -6.66
N GLU A 22 5.58 17.45 -6.42
CA GLU A 22 4.72 17.82 -5.32
C GLU A 22 3.25 17.57 -5.58
N VAL A 23 2.49 17.54 -4.50
CA VAL A 23 1.08 17.34 -4.60
C VAL A 23 0.45 18.58 -3.99
N GLN A 24 -0.51 19.16 -4.70
CA GLN A 24 -1.17 20.34 -4.19
C GLN A 24 -2.66 20.09 -4.05
N LEU A 25 -3.27 20.88 -3.19
CA LEU A 25 -4.69 20.99 -3.04
C LEU A 25 -5.19 21.89 -4.15
N ALA A 26 -6.20 21.47 -4.89
CA ALA A 26 -6.69 22.30 -6.00
C ALA A 26 -8.15 22.49 -5.86
N VAL A 27 -8.63 23.73 -6.06
CA VAL A 27 -10.06 24.01 -5.83
C VAL A 27 -10.70 24.56 -7.07
N ASN A 28 -11.81 23.99 -7.49
CA ASN A 28 -12.46 24.40 -8.75
C ASN A 28 -13.13 25.74 -8.55
N ARG A 29 -12.80 26.69 -9.41
CA ARG A 29 -13.36 28.05 -9.26
C ARG A 29 -14.87 28.11 -9.40
N VAL A 30 -15.41 27.38 -10.35
CA VAL A 30 -16.86 27.28 -10.50
C VAL A 30 -17.58 26.39 -9.46
N THR A 31 -17.15 25.12 -9.31
CA THR A 31 -17.88 24.15 -8.49
C THR A 31 -17.49 24.05 -7.07
N GLU A 32 -16.34 24.61 -6.70
CA GLU A 32 -15.85 24.68 -5.35
C GLU A 32 -15.20 23.35 -4.94
N GLU A 33 -15.22 22.33 -5.80
CA GLU A 33 -14.67 21.02 -5.47
C GLU A 33 -13.16 21.08 -5.22
N ALA A 34 -12.72 20.37 -4.19
CA ALA A 34 -11.33 20.34 -3.84
C ALA A 34 -10.84 18.91 -4.13
N VAL A 35 -9.76 18.85 -4.90
CA VAL A 35 -9.12 17.64 -5.29
C VAL A 35 -7.64 17.77 -4.99
N ALA A 36 -6.87 16.73 -5.30
CA ALA A 36 -5.43 16.86 -5.22
C ALA A 36 -4.85 16.76 -6.58
N VAL A 37 -3.70 17.41 -6.81
CA VAL A 37 -3.03 17.38 -8.08
C VAL A 37 -1.61 17.06 -7.89
N LYS A 38 -1.12 16.09 -8.63
CA LYS A 38 0.28 15.73 -8.53
C LYS A 38 0.93 16.41 -9.72
N ILE A 39 2.00 17.13 -9.43
CA ILE A 39 2.71 17.89 -10.45
C ILE A 39 4.03 17.26 -10.84
N VAL A 40 4.15 16.81 -12.07
CA VAL A 40 5.38 16.14 -12.47
C VAL A 40 6.04 16.74 -13.73
N ASP A 41 7.36 16.80 -13.68
CA ASP A 41 8.22 17.38 -14.71
C ASP A 41 8.72 16.36 -15.73
N CYS A 48 11.60 7.91 -18.67
CA CYS A 48 11.04 8.44 -17.43
C CYS A 48 9.83 9.36 -17.67
N PRO A 49 9.51 9.62 -18.94
CA PRO A 49 8.26 10.26 -19.35
C PRO A 49 7.27 9.23 -19.85
N GLU A 50 7.78 8.05 -20.21
CA GLU A 50 6.97 6.88 -20.54
C GLU A 50 6.40 6.25 -19.27
N ASN A 51 7.09 6.46 -18.15
CA ASN A 51 6.63 5.98 -16.85
C ASN A 51 5.32 6.61 -16.48
N ILE A 52 5.16 7.90 -16.77
CA ILE A 52 3.93 8.51 -16.40
C ILE A 52 2.83 8.08 -17.37
N LYS A 53 3.16 7.77 -18.61
CA LYS A 53 2.12 7.32 -19.50
C LYS A 53 1.51 5.96 -19.04
N LYS A 54 2.38 5.11 -18.50
CA LYS A 54 1.94 3.82 -17.99
C LYS A 54 1.18 4.07 -16.74
N GLU A 55 1.70 4.95 -15.87
CA GLU A 55 1.05 5.28 -14.65
C GLU A 55 -0.36 5.79 -14.93
N ILE A 56 -0.48 6.70 -15.91
CA ILE A 56 -1.78 7.24 -16.23
C ILE A 56 -2.74 6.21 -16.69
N CYS A 57 -2.26 5.29 -17.47
CA CYS A 57 -3.08 4.28 -17.99
C CYS A 57 -3.68 3.35 -16.88
N ILE A 58 -2.85 3.00 -15.93
CA ILE A 58 -3.34 2.24 -14.75
C ILE A 58 -4.30 3.07 -13.94
N LEU A 59 -3.96 4.30 -13.72
CA LEU A 59 -4.79 5.21 -12.98
C LEU A 59 -6.19 5.31 -13.54
N LYS A 60 -6.32 5.29 -14.86
CA LYS A 60 -7.70 5.36 -15.43
C LYS A 60 -8.54 4.18 -15.16
N MET A 61 -7.93 3.07 -14.80
CA MET A 61 -8.63 1.82 -14.47
C MET A 61 -9.25 1.80 -13.11
N LEU A 62 -8.85 2.68 -12.23
CA LEU A 62 -9.15 2.50 -10.81
C LEU A 62 -10.50 3.01 -10.42
N ASN A 63 -11.35 2.11 -9.91
CA ASN A 63 -12.62 2.51 -9.41
C ASN A 63 -13.13 1.71 -8.21
N HIS A 64 -12.66 2.08 -7.02
CA HIS A 64 -12.98 1.38 -5.76
C HIS A 64 -12.86 2.29 -4.61
N GLU A 65 -13.71 2.09 -3.58
CA GLU A 65 -13.71 2.99 -2.46
C GLU A 65 -12.42 2.97 -1.61
N ASN A 66 -11.59 1.93 -1.73
CA ASN A 66 -10.32 1.92 -0.97
C ASN A 66 -9.10 2.14 -1.84
N VAL A 67 -9.29 2.75 -3.05
CA VAL A 67 -8.19 3.12 -4.09
CA VAL A 67 -8.23 3.10 -4.10
C VAL A 67 -8.40 4.63 -4.41
N ILE A 68 -7.32 5.41 -4.51
CA ILE A 68 -7.47 6.85 -4.87
C ILE A 68 -8.04 6.89 -6.28
N LYS A 69 -9.09 7.65 -6.49
CA LYS A 69 -9.67 7.78 -7.85
C LYS A 69 -8.92 8.80 -8.71
N PHE A 70 -8.80 8.52 -10.01
CA PHE A 70 -8.13 9.43 -10.95
C PHE A 70 -9.19 10.24 -11.69
N TYR A 71 -9.01 11.54 -11.73
CA TYR A 71 -9.97 12.45 -12.38
C TYR A 71 -9.56 12.86 -13.78
N GLY A 72 -8.29 12.87 -14.05
CA GLY A 72 -7.77 13.19 -15.38
C GLY A 72 -6.45 13.89 -15.27
N HIS A 73 -5.92 14.26 -16.42
CA HIS A 73 -4.66 14.93 -16.45
C HIS A 73 -4.65 16.01 -17.56
N ARG A 74 -3.74 16.94 -17.41
CA ARG A 74 -3.47 18.00 -18.40
C ARG A 74 -1.97 18.18 -18.46
N ARG A 75 -1.40 18.22 -19.67
CA ARG A 75 0.02 18.51 -19.79
C ARG A 75 0.20 19.95 -20.30
N GLU A 76 0.95 20.76 -19.59
CA GLU A 76 1.25 22.11 -20.07
C GLU A 76 2.75 22.21 -20.15
N GLY A 77 3.25 22.29 -21.37
CA GLY A 77 4.69 22.35 -21.58
C GLY A 77 5.22 20.99 -21.22
N ASN A 78 6.17 20.94 -20.29
CA ASN A 78 6.75 19.66 -19.87
C ASN A 78 6.26 19.18 -18.53
N ILE A 79 5.23 19.84 -18.00
CA ILE A 79 4.68 19.50 -16.71
C ILE A 79 3.35 18.81 -16.91
N GLN A 80 3.20 17.64 -16.28
CA GLN A 80 1.95 16.87 -16.36
C GLN A 80 1.23 17.11 -15.06
N TYR A 81 -0.07 17.31 -15.12
CA TYR A 81 -0.83 17.54 -13.91
C TYR A 81 -1.77 16.34 -13.78
N LEU A 82 -1.62 15.57 -12.70
CA LEU A 82 -2.52 14.42 -12.46
C LEU A 82 -3.50 14.78 -11.37
N PHE A 83 -4.77 14.86 -11.74
CA PHE A 83 -5.83 15.27 -10.86
C PHE A 83 -6.46 14.04 -10.21
N MET A 84 -6.59 14.08 -8.91
CA MET A 84 -7.07 12.87 -8.21
C MET A 84 -7.84 13.15 -6.95
N GLU A 85 -8.53 12.13 -6.47
CA GLU A 85 -9.31 12.26 -5.26
C GLU A 85 -8.49 12.75 -4.11
N LEU A 86 -8.98 13.69 -3.38
CA LEU A 86 -8.27 14.22 -2.25
C LEU A 86 -8.48 13.35 -0.98
N ALA A 87 -7.38 13.07 -0.29
CA ALA A 87 -7.43 12.30 0.97
C ALA A 87 -6.97 13.27 2.02
N SER A 88 -7.89 13.83 2.76
CA SER A 88 -7.52 14.96 3.64
C SER A 88 -7.22 14.56 5.06
N GLY A 89 -7.32 13.28 5.36
CA GLY A 89 -6.97 12.78 6.69
C GLY A 89 -5.49 12.39 6.84
N GLY A 90 -4.65 12.68 5.86
CA GLY A 90 -3.26 12.35 5.97
C GLY A 90 -3.01 10.86 5.64
N SER A 91 -1.98 10.29 6.23
CA SER A 91 -1.60 8.90 5.95
C SER A 91 -1.67 7.99 7.14
N LEU A 92 -1.65 6.67 6.83
CA LEU A 92 -1.68 5.70 7.90
C LEU A 92 -0.42 5.82 8.70
N PHE A 93 0.69 6.23 8.10
CA PHE A 93 1.94 6.45 8.82
C PHE A 93 1.75 7.38 10.00
N ASP A 94 0.92 8.43 9.83
CA ASP A 94 0.64 9.36 11.00
C ASP A 94 -0.17 8.82 12.11
N ARG A 95 -0.85 7.70 11.96
CA ARG A 95 -1.62 7.11 13.03
C ARG A 95 -0.90 6.04 13.72
N ILE A 96 0.32 5.75 13.35
CA ILE A 96 1.06 4.71 14.00
C ILE A 96 2.03 5.35 15.05
N GLU A 97 1.78 5.09 16.31
CA GLU A 97 2.69 5.69 17.35
C GLU A 97 3.94 4.86 17.44
N PRO A 98 5.13 5.46 17.35
CA PRO A 98 6.38 4.66 17.46
C PRO A 98 6.42 3.89 18.73
N ASP A 99 6.77 2.61 18.63
CA ASP A 99 6.87 1.63 19.66
C ASP A 99 5.65 1.13 20.28
N ILE A 100 4.49 1.67 19.83
CA ILE A 100 3.23 1.33 20.34
C ILE A 100 2.32 0.75 19.24
N GLY A 101 2.20 1.45 18.16
CA GLY A 101 1.29 1.03 17.11
C GLY A 101 -0.01 1.82 17.22
N MET A 102 -1.10 1.11 17.40
CA MET A 102 -2.43 1.71 17.51
C MET A 102 -3.35 0.69 18.14
N PRO A 103 -4.53 1.10 18.58
CA PRO A 103 -5.44 0.14 19.18
C PRO A 103 -5.81 -0.97 18.20
N GLU A 104 -5.82 -2.18 18.66
CA GLU A 104 -6.15 -3.33 17.82
C GLU A 104 -7.42 -3.20 17.00
N PRO A 105 -8.50 -2.64 17.52
CA PRO A 105 -9.70 -2.44 16.68
C PRO A 105 -9.48 -1.54 15.49
N ASP A 106 -8.69 -0.48 15.67
CA ASP A 106 -8.43 0.45 14.62
C ASP A 106 -7.53 -0.24 13.57
N ALA A 107 -6.55 -0.99 14.03
CA ALA A 107 -5.69 -1.74 13.13
C ALA A 107 -6.49 -2.75 12.34
N GLN A 108 -7.42 -3.42 12.96
CA GLN A 108 -8.23 -4.43 12.23
C GLN A 108 -9.08 -3.75 11.17
N ARG A 109 -9.73 -2.65 11.50
CA ARG A 109 -10.50 -1.90 10.51
C ARG A 109 -9.70 -1.45 9.33
N PHE A 110 -8.50 -0.86 9.55
CA PHE A 110 -7.66 -0.46 8.45
C PHE A 110 -7.24 -1.69 7.66
N PHE A 111 -6.90 -2.83 8.31
CA PHE A 111 -6.50 -4.04 7.58
C PHE A 111 -7.62 -4.57 6.72
N HIS A 112 -8.86 -4.55 7.22
CA HIS A 112 -9.96 -4.94 6.39
C HIS A 112 -10.09 -4.04 5.15
N GLN A 113 -9.90 -2.75 5.30
CA GLN A 113 -9.98 -1.83 4.18
C GLN A 113 -8.82 -2.07 3.21
N LEU A 114 -7.65 -2.30 3.75
CA LEU A 114 -6.50 -2.56 2.94
C LEU A 114 -6.70 -3.80 2.10
N MET A 115 -7.21 -4.87 2.72
CA MET A 115 -7.49 -6.08 1.98
C MET A 115 -8.55 -5.86 0.88
N ALA A 116 -9.55 -5.08 1.19
CA ALA A 116 -10.53 -4.73 0.18
C ALA A 116 -9.93 -4.05 -1.04
N GLY A 117 -9.03 -3.13 -0.84
CA GLY A 117 -8.43 -2.43 -1.94
C GLY A 117 -7.50 -3.30 -2.69
N VAL A 118 -6.74 -4.18 -2.01
CA VAL A 118 -5.80 -5.05 -2.66
C VAL A 118 -6.54 -6.15 -3.44
N VAL A 119 -7.59 -6.72 -2.89
CA VAL A 119 -8.44 -7.68 -3.72
C VAL A 119 -8.96 -6.98 -4.96
N TYR A 120 -9.37 -5.77 -4.84
CA TYR A 120 -9.79 -4.99 -6.02
C TYR A 120 -8.72 -4.86 -7.09
N LEU A 121 -7.55 -4.42 -6.70
CA LEU A 121 -6.42 -4.27 -7.65
C LEU A 121 -6.08 -5.54 -8.28
N HIS A 122 -5.91 -6.60 -7.48
CA HIS A 122 -5.57 -7.88 -7.99
C HIS A 122 -6.63 -8.42 -9.03
N GLY A 123 -7.86 -8.13 -8.72
CA GLY A 123 -8.97 -8.62 -9.54
C GLY A 123 -8.94 -7.93 -10.91
N ILE A 124 -8.41 -6.74 -11.03
CA ILE A 124 -8.23 -6.10 -12.34
C ILE A 124 -6.90 -6.33 -12.93
N GLY A 125 -6.09 -7.20 -12.30
CA GLY A 125 -4.83 -7.59 -12.80
C GLY A 125 -3.73 -6.58 -12.55
N ILE A 126 -3.88 -5.68 -11.56
CA ILE A 126 -2.91 -4.72 -11.25
C ILE A 126 -2.20 -5.08 -9.92
N THR A 127 -0.87 -5.01 -9.90
CA THR A 127 -0.11 -5.12 -8.66
C THR A 127 0.45 -3.73 -8.28
N HIS A 128 0.36 -3.34 -6.99
CA HIS A 128 0.81 -2.06 -6.54
C HIS A 128 2.35 -1.95 -6.40
N ARG A 129 2.93 -2.95 -5.73
CA ARG A 129 4.40 -3.12 -5.62
C ARG A 129 5.07 -2.25 -4.60
N ASP A 130 4.35 -1.41 -3.91
CA ASP A 130 4.96 -0.57 -2.87
C ASP A 130 4.00 -0.23 -1.82
N ILE A 131 3.34 -1.26 -1.28
CA ILE A 131 2.40 -1.02 -0.20
C ILE A 131 3.19 -0.74 1.10
N LYS A 132 2.87 0.36 1.73
CA LYS A 132 3.43 0.79 2.97
C LYS A 132 2.64 1.95 3.53
N PRO A 133 2.78 2.27 4.83
CA PRO A 133 1.87 3.24 5.47
C PRO A 133 1.88 4.64 4.84
N HIS A 134 3.01 5.08 4.26
CA HIS A 134 3.02 6.37 3.58
C HIS A 134 2.17 6.41 2.36
N ASN A 135 1.91 5.25 1.72
CA ASN A 135 1.09 5.15 0.49
C ASN A 135 -0.35 4.78 0.80
N LEU A 136 -0.75 4.75 2.04
CA LEU A 136 -2.13 4.39 2.43
C LEU A 136 -2.68 5.62 3.07
N LEU A 137 -3.44 6.40 2.32
CA LEU A 137 -3.93 7.71 2.77
C LEU A 137 -5.32 7.51 3.33
N LEU A 138 -5.78 8.50 4.10
CA LEU A 138 -7.03 8.45 4.73
C LEU A 138 -7.90 9.62 4.28
N ASP A 139 -9.20 9.37 4.11
CA ASP A 139 -10.15 10.43 3.82
C ASP A 139 -10.64 11.04 5.12
N GLU A 140 -11.64 11.93 5.06
CA GLU A 140 -11.97 12.65 6.31
C GLU A 140 -12.78 11.82 7.27
N ARG A 141 -13.26 10.64 6.86
CA ARG A 141 -13.85 9.71 7.77
C ARG A 141 -12.95 8.50 8.10
N ASP A 142 -11.63 8.70 7.92
CA ASP A 142 -10.60 7.70 8.18
C ASP A 142 -10.78 6.42 7.37
N ASN A 143 -11.32 6.56 6.19
CA ASN A 143 -11.32 5.42 5.27
C ASN A 143 -9.96 5.40 4.51
N LEU A 144 -9.41 4.20 4.40
CA LEU A 144 -8.13 4.00 3.75
C LEU A 144 -8.22 3.97 2.26
N LYS A 145 -7.23 4.61 1.62
CA LYS A 145 -7.17 4.70 0.18
C LYS A 145 -5.76 4.31 -0.24
N ILE A 146 -5.62 3.29 -1.04
CA ILE A 146 -4.31 2.94 -1.55
C ILE A 146 -3.94 3.95 -2.64
N ALA A 147 -2.82 4.62 -2.42
CA ALA A 147 -2.31 5.71 -3.29
C ALA A 147 -0.97 5.32 -3.88
N ASP A 148 -0.57 6.13 -4.86
CA ASP A 148 0.80 6.05 -5.39
C ASP A 148 0.99 4.92 -6.34
N TYR A 149 0.64 5.14 -7.62
CA TYR A 149 0.71 4.11 -8.63
C TYR A 149 1.97 4.18 -9.52
N SER A 150 3.02 4.83 -8.99
CA SER A 150 4.22 4.98 -9.76
C SER A 150 5.02 3.72 -10.00
N LEU A 151 4.87 2.68 -9.16
CA LEU A 151 5.48 1.40 -9.42
C LEU A 151 4.52 0.31 -9.82
N ALA A 152 3.21 0.63 -9.89
CA ALA A 152 2.21 -0.34 -10.25
C ALA A 152 2.36 -0.89 -11.64
N THR A 153 1.98 -2.14 -11.81
CA THR A 153 2.06 -2.74 -13.15
C THR A 153 1.03 -3.80 -13.36
N VAL A 154 0.83 -4.24 -14.62
CA VAL A 154 -0.09 -5.31 -14.92
C VAL A 154 0.55 -6.61 -14.77
N PHE A 155 -0.08 -7.51 -14.09
CA PHE A 155 0.39 -8.87 -13.91
C PHE A 155 -0.54 -9.89 -14.52
N ARG A 156 -1.73 -9.45 -14.90
CA ARG A 156 -2.71 -10.39 -15.57
C ARG A 156 -3.37 -9.61 -16.66
N TYR A 157 -3.38 -10.22 -17.90
CA TYR A 157 -4.01 -9.55 -19.01
C TYR A 157 -4.63 -10.66 -19.90
N ASN A 158 -5.86 -10.48 -20.36
CA ASN A 158 -6.57 -11.57 -21.08
C ASN A 158 -6.55 -12.88 -20.40
N ASN A 159 -6.68 -12.76 -19.07
CA ASN A 159 -6.67 -13.89 -18.21
C ASN A 159 -5.38 -14.72 -18.13
N ARG A 160 -4.25 -14.18 -18.56
CA ARG A 160 -2.99 -14.89 -18.50
C ARG A 160 -2.09 -14.11 -17.53
N GLU A 161 -1.53 -14.84 -16.57
CA GLU A 161 -0.62 -14.20 -15.61
C GLU A 161 0.74 -14.06 -16.20
N ARG A 162 1.42 -12.97 -15.90
CA ARG A 162 2.80 -12.85 -16.22
C ARG A 162 3.55 -12.71 -14.92
N LEU A 163 4.61 -13.45 -14.82
CA LEU A 163 5.57 -13.29 -13.68
C LEU A 163 6.30 -12.00 -13.74
N LEU A 164 6.63 -11.45 -12.55
CA LEU A 164 7.46 -10.26 -12.51
C LEU A 164 8.92 -10.58 -12.36
N ASN A 165 9.74 -9.70 -12.80
CA ASN A 165 11.20 -9.82 -12.56
C ASN A 165 11.87 -8.55 -11.99
N LYS A 166 11.24 -7.40 -12.10
CA LYS A 166 11.87 -6.18 -11.64
C LYS A 166 11.95 -6.15 -10.09
N MET A 167 13.13 -5.84 -9.56
CA MET A 167 13.24 -5.63 -8.11
C MET A 167 12.76 -4.18 -7.91
N CYS A 168 11.71 -3.96 -7.09
CA CYS A 168 11.28 -2.59 -6.74
C CYS A 168 10.51 -2.65 -5.43
N GLY A 169 10.25 -1.50 -4.89
CA GLY A 169 9.54 -1.36 -3.63
C GLY A 169 10.41 -0.75 -2.60
N THR A 170 10.21 -1.14 -1.34
CA THR A 170 10.88 -0.51 -0.17
C THR A 170 11.35 -1.65 0.67
N LEU A 171 12.66 -1.77 0.92
CA LEU A 171 13.23 -2.98 1.50
C LEU A 171 12.55 -3.64 2.73
N PRO A 172 12.18 -2.84 3.77
CA PRO A 172 11.56 -3.45 4.88
C PRO A 172 10.18 -4.06 4.62
N TYR A 173 9.59 -3.62 3.55
CA TYR A 173 8.25 -4.13 3.12
C TYR A 173 8.31 -5.19 2.04
N VAL A 174 9.47 -5.40 1.41
CA VAL A 174 9.58 -6.26 0.26
C VAL A 174 9.62 -7.72 0.67
N ALA A 175 8.99 -8.59 -0.14
CA ALA A 175 9.02 -10.04 0.09
C ALA A 175 10.37 -10.73 -0.22
N PRO A 176 10.68 -11.80 0.49
CA PRO A 176 12.09 -12.34 0.34
C PRO A 176 12.35 -12.90 -1.06
N GLU A 177 11.31 -13.41 -1.74
CA GLU A 177 11.49 -13.94 -3.09
C GLU A 177 11.94 -12.93 -4.02
N LEU A 178 11.61 -11.65 -3.80
CA LEU A 178 11.97 -10.59 -4.69
C LEU A 178 13.50 -10.35 -4.67
N LEU A 179 14.14 -10.67 -3.53
CA LEU A 179 15.58 -10.60 -3.44
C LEU A 179 16.26 -11.90 -3.90
N LYS A 180 15.54 -12.96 -4.10
CA LYS A 180 16.15 -14.34 -4.24
C LYS A 180 15.87 -14.94 -5.60
N ARG A 181 14.71 -14.67 -6.16
CA ARG A 181 14.21 -15.39 -7.32
C ARG A 181 14.34 -14.56 -8.53
N ARG A 182 14.64 -15.22 -9.66
CA ARG A 182 14.71 -14.53 -10.94
C ARG A 182 13.31 -13.98 -11.29
N GLU A 183 12.30 -14.78 -11.05
CA GLU A 183 10.96 -14.39 -11.46
C GLU A 183 10.06 -14.86 -10.35
N PHE A 184 8.96 -14.14 -10.17
CA PHE A 184 8.09 -14.40 -9.03
C PHE A 184 6.69 -13.85 -9.33
N HIS A 185 5.74 -14.47 -8.65
CA HIS A 185 4.34 -14.12 -8.76
C HIS A 185 4.05 -12.77 -8.03
N ALA A 186 3.22 -11.94 -8.64
CA ALA A 186 2.93 -10.62 -8.12
C ALA A 186 2.14 -10.66 -6.81
N GLU A 187 1.11 -11.48 -6.77
CA GLU A 187 0.11 -11.33 -5.66
C GLU A 187 0.75 -11.64 -4.27
N PRO A 188 1.56 -12.68 -4.15
CA PRO A 188 2.12 -12.96 -2.80
C PRO A 188 3.06 -11.84 -2.37
N VAL A 189 3.65 -11.07 -3.27
CA VAL A 189 4.50 -9.91 -2.87
C VAL A 189 3.68 -8.83 -2.20
N ASP A 190 2.50 -8.53 -2.74
CA ASP A 190 1.65 -7.50 -2.17
C ASP A 190 1.10 -8.05 -0.83
N VAL A 191 0.77 -9.35 -0.76
CA VAL A 191 0.29 -9.92 0.51
C VAL A 191 1.32 -9.71 1.60
N TRP A 192 2.56 -10.04 1.28
CA TRP A 192 3.67 -9.85 2.25
C TRP A 192 3.80 -8.46 2.78
N SER A 193 3.75 -7.44 1.90
CA SER A 193 3.82 -6.06 2.32
C SER A 193 2.68 -5.69 3.21
N CYS A 194 1.50 -6.23 2.94
CA CYS A 194 0.36 -6.00 3.87
C CYS A 194 0.66 -6.57 5.26
N GLY A 195 1.30 -7.73 5.36
CA GLY A 195 1.70 -8.26 6.65
C GLY A 195 2.71 -7.32 7.36
N ILE A 196 3.61 -6.73 6.65
CA ILE A 196 4.56 -5.83 7.35
C ILE A 196 3.80 -4.60 7.82
N VAL A 197 2.81 -4.13 7.02
CA VAL A 197 1.95 -3.04 7.40
C VAL A 197 1.21 -3.38 8.72
N LEU A 198 0.62 -4.60 8.76
CA LEU A 198 -0.12 -5.00 9.94
C LEU A 198 0.81 -5.05 11.19
N THR A 199 2.05 -5.56 10.98
CA THR A 199 3.04 -5.55 12.08
C THR A 199 3.29 -4.14 12.63
N ALA A 200 3.51 -3.22 11.69
CA ALA A 200 3.73 -1.77 12.06
C ALA A 200 2.59 -1.19 12.79
N MET A 201 1.35 -1.50 12.37
CA MET A 201 0.16 -0.99 13.04
C MET A 201 0.00 -1.56 14.45
N LEU A 202 0.41 -2.80 14.68
CA LEU A 202 0.24 -3.48 15.97
C LEU A 202 1.43 -3.26 16.96
N ALA A 203 2.53 -2.80 16.45
CA ALA A 203 3.76 -2.72 17.28
C ALA A 203 4.46 -1.41 17.19
N GLY A 204 4.17 -0.58 16.17
CA GLY A 204 4.83 0.71 16.00
C GLY A 204 6.30 0.56 15.65
N GLU A 205 6.66 -0.55 15.01
CA GLU A 205 8.03 -0.83 14.65
C GLU A 205 8.05 -1.86 13.53
N LEU A 206 9.04 -1.74 12.69
CA LEU A 206 9.23 -2.67 11.60
C LEU A 206 10.12 -3.81 12.05
N PRO A 207 9.86 -5.01 11.60
CA PRO A 207 10.59 -6.16 12.16
C PRO A 207 12.03 -6.30 11.70
N TRP A 208 12.33 -5.85 10.48
CA TRP A 208 13.65 -6.04 9.85
C TRP A 208 13.97 -5.05 8.79
N ASP A 209 15.29 -4.83 8.54
CA ASP A 209 15.71 -4.00 7.50
C ASP A 209 15.37 -4.55 6.15
N GLN A 210 15.43 -5.87 6.03
CA GLN A 210 15.13 -6.58 4.80
C GLN A 210 15.09 -8.05 5.10
N PRO A 211 14.32 -8.81 4.33
CA PRO A 211 14.03 -10.17 4.62
C PRO A 211 15.11 -11.12 3.98
N SER A 212 16.34 -10.93 4.38
CA SER A 212 17.42 -11.72 3.82
C SER A 212 18.07 -12.49 4.99
N ASP A 213 18.70 -13.62 4.66
CA ASP A 213 19.40 -14.43 5.69
C ASP A 213 20.56 -13.71 6.33
N SER A 214 21.12 -12.73 5.67
CA SER A 214 22.09 -11.86 6.33
C SER A 214 21.50 -10.96 7.43
N CYS A 215 20.17 -10.84 7.54
CA CYS A 215 19.54 -9.98 8.56
C CYS A 215 19.13 -10.79 9.80
N GLN A 216 19.74 -10.50 10.97
CA GLN A 216 19.51 -11.27 12.14
C GLN A 216 18.04 -11.29 12.53
N GLU A 217 17.36 -10.13 12.39
CA GLU A 217 15.96 -10.04 12.90
C GLU A 217 15.04 -10.99 12.06
N TYR A 218 15.37 -11.11 10.77
CA TYR A 218 14.64 -12.00 9.83
C TYR A 218 14.94 -13.46 10.16
N SER A 219 16.25 -13.77 10.44
CA SER A 219 16.56 -15.14 10.94
C SER A 219 15.87 -15.50 12.17
N ASP A 220 15.82 -14.59 13.10
CA ASP A 220 15.14 -14.81 14.36
C ASP A 220 13.65 -15.12 14.18
N TRP A 221 12.97 -14.42 13.22
CA TRP A 221 11.55 -14.77 12.97
C TRP A 221 11.44 -16.15 12.39
N LYS A 222 12.32 -16.50 11.47
CA LYS A 222 12.22 -17.81 10.84
C LYS A 222 12.48 -18.96 11.83
N GLU A 223 13.27 -18.68 12.84
CA GLU A 223 13.44 -19.57 14.04
C GLU A 223 12.42 -19.36 15.09
N LYS A 224 11.34 -18.62 14.83
CA LYS A 224 10.19 -18.50 15.72
C LYS A 224 10.49 -17.93 17.08
N LYS A 225 11.42 -17.03 17.15
CA LYS A 225 11.69 -16.34 18.42
C LYS A 225 10.74 -15.17 18.64
N THR A 226 9.51 -15.47 18.90
CA THR A 226 8.51 -14.47 19.02
C THR A 226 8.46 -13.88 20.42
N TYR A 227 9.44 -14.25 21.28
CA TYR A 227 9.57 -13.54 22.56
C TYR A 227 10.36 -12.29 22.39
N LEU A 228 10.94 -12.03 21.23
CA LEU A 228 11.55 -10.79 20.88
C LEU A 228 10.55 -9.76 20.33
N ASN A 229 10.97 -8.52 20.30
CA ASN A 229 10.21 -7.41 19.65
C ASN A 229 10.40 -7.56 18.14
N PRO A 230 9.37 -7.22 17.33
CA PRO A 230 8.13 -6.60 17.70
C PRO A 230 7.12 -7.57 18.11
N TRP A 231 7.35 -8.87 17.93
CA TRP A 231 6.35 -9.88 18.06
C TRP A 231 5.72 -9.93 19.49
N LYS A 232 6.59 -9.80 20.51
CA LYS A 232 6.09 -9.91 21.85
C LYS A 232 5.08 -8.84 22.23
N LYS A 233 4.92 -7.80 21.41
CA LYS A 233 3.92 -6.77 21.67
C LYS A 233 2.55 -7.08 21.07
N ILE A 234 2.51 -8.15 20.30
CA ILE A 234 1.30 -8.47 19.48
C ILE A 234 0.59 -9.60 20.11
N ASP A 235 -0.71 -9.48 20.19
CA ASP A 235 -1.55 -10.51 20.76
C ASP A 235 -1.54 -11.79 19.96
N SER A 236 -1.82 -12.91 20.61
CA SER A 236 -1.73 -14.20 19.97
C SER A 236 -2.54 -14.33 18.68
N ALA A 237 -3.76 -13.76 18.62
CA ALA A 237 -4.68 -13.99 17.54
C ALA A 237 -4.04 -13.27 16.22
N PRO A 238 -3.75 -11.98 16.31
CA PRO A 238 -3.13 -11.36 15.10
C PRO A 238 -1.79 -11.88 14.79
N LEU A 239 -1.01 -12.27 15.84
CA LEU A 239 0.26 -12.93 15.57
C LEU A 239 0.18 -14.25 14.79
N ALA A 240 -0.87 -15.04 15.06
CA ALA A 240 -1.11 -16.29 14.29
C ALA A 240 -1.35 -15.96 12.78
N LEU A 241 -2.05 -14.88 12.52
CA LEU A 241 -2.22 -14.42 11.13
C LEU A 241 -0.90 -14.00 10.53
N LEU A 242 -0.13 -13.21 11.27
CA LEU A 242 1.19 -12.81 10.77
C LEU A 242 2.11 -14.03 10.48
N HIS A 243 2.02 -15.06 11.28
CA HIS A 243 2.73 -16.29 11.00
C HIS A 243 2.32 -16.91 9.68
N LYS A 244 1.09 -16.71 9.22
CA LYS A 244 0.69 -17.32 7.91
C LYS A 244 1.03 -16.41 6.73
N ILE A 245 1.08 -15.09 6.97
CA ILE A 245 1.46 -14.08 5.96
C ILE A 245 2.93 -14.04 5.71
N LEU A 246 3.74 -13.99 6.78
CA LEU A 246 5.15 -13.76 6.63
C LEU A 246 5.95 -15.09 6.54
N VAL A 247 5.54 -15.85 5.53
CA VAL A 247 6.06 -17.24 5.20
C VAL A 247 6.97 -17.05 4.05
N GLU A 248 8.18 -17.60 4.17
CA GLU A 248 9.23 -17.31 3.20
C GLU A 248 8.88 -17.81 1.78
N ASN A 249 8.37 -19.02 1.73
CA ASN A 249 8.05 -19.66 0.43
C ASN A 249 6.74 -19.06 -0.05
N PRO A 250 6.75 -18.27 -1.13
CA PRO A 250 5.52 -17.62 -1.58
C PRO A 250 4.43 -18.58 -1.97
N SER A 251 4.81 -19.83 -2.38
CA SER A 251 3.74 -20.83 -2.66
C SER A 251 3.02 -21.37 -1.46
N ALA A 252 3.62 -21.28 -0.31
CA ALA A 252 3.04 -21.72 0.92
C ALA A 252 2.36 -20.56 1.73
N ARG A 253 2.65 -19.34 1.30
CA ARG A 253 2.11 -18.13 1.95
C ARG A 253 0.63 -18.10 1.80
N ILE A 254 -0.07 -17.56 2.82
CA ILE A 254 -1.49 -17.45 2.76
C ILE A 254 -2.01 -16.51 1.68
N THR A 255 -3.11 -16.87 0.99
CA THR A 255 -3.70 -16.02 0.02
C THR A 255 -4.78 -15.16 0.63
N ILE A 256 -5.19 -14.11 -0.06
CA ILE A 256 -6.27 -13.24 0.46
C ILE A 256 -7.57 -13.96 0.77
N PRO A 257 -8.00 -14.88 -0.11
CA PRO A 257 -9.23 -15.62 0.32
C PRO A 257 -9.13 -16.31 1.65
N ASP A 258 -7.96 -16.87 1.94
CA ASP A 258 -7.75 -17.48 3.23
C ASP A 258 -7.51 -16.49 4.38
N ILE A 259 -6.90 -15.33 4.11
CA ILE A 259 -6.84 -14.25 5.17
C ILE A 259 -8.23 -13.96 5.63
N LYS A 260 -9.18 -13.85 4.71
CA LYS A 260 -10.55 -13.52 5.06
C LYS A 260 -11.25 -14.56 5.91
N LYS A 261 -10.70 -15.75 6.00
CA LYS A 261 -11.16 -16.82 6.93
C LYS A 261 -10.44 -16.89 8.21
N ASP A 262 -9.43 -16.06 8.40
CA ASP A 262 -8.66 -16.11 9.63
C ASP A 262 -9.43 -15.71 10.86
N ARG A 263 -9.05 -16.31 11.97
CA ARG A 263 -9.78 -16.02 13.22
C ARG A 263 -9.70 -14.56 13.68
N TRP A 264 -8.50 -13.94 13.61
CA TRP A 264 -8.43 -12.58 14.08
C TRP A 264 -9.11 -11.69 13.10
N TYR A 265 -8.99 -11.97 11.79
CA TYR A 265 -9.66 -11.15 10.80
C TYR A 265 -11.16 -10.99 11.04
N ASN A 266 -11.73 -12.06 11.52
CA ASN A 266 -13.16 -12.18 11.78
C ASN A 266 -13.49 -11.97 13.23
N LYS A 267 -12.60 -11.48 14.10
CA LYS A 267 -12.90 -11.26 15.51
C LYS A 267 -13.62 -9.99 15.73
N PRO A 268 -14.79 -10.02 16.45
CA PRO A 268 -15.43 -8.73 16.70
C PRO A 268 -14.64 -7.93 17.73
N LEU A 269 -14.31 -6.71 17.39
CA LEU A 269 -13.51 -5.84 18.24
C LEU A 269 -14.10 -4.45 18.25
N LYS A 270 -14.68 -3.95 17.16
CA LYS A 270 -14.94 -2.48 17.05
C LYS A 270 -16.42 -2.10 16.97
N LYS A 271 -16.80 -1.16 17.86
CA LYS A 271 -18.10 -0.52 17.80
C LYS A 271 -18.18 0.39 16.56
PG ANP B . 6.61 8.51 -5.43
O1G ANP B . 6.74 7.03 -5.72
O2G ANP B . 7.89 9.30 -5.31
O3G ANP B . 5.62 9.22 -6.34
PB ANP B . 5.69 9.93 -2.98
O1B ANP B . 6.07 10.15 -1.51
O2B ANP B . 6.39 10.82 -3.96
N3B ANP B . 6.12 8.45 -3.75
PA ANP B . 3.34 10.92 -4.21
O1A ANP B . 2.13 10.22 -4.83
O2A ANP B . 4.31 11.49 -5.23
O3A ANP B . 4.06 10.04 -3.08
O5' ANP B . 3.05 12.18 -3.28
C5' ANP B . 3.75 12.65 -2.15
C4' ANP B . 2.80 12.98 -1.00
O4' ANP B . 1.66 13.83 -1.32
C3' ANP B . 2.15 11.71 -0.45
O3' ANP B . 3.02 10.98 0.42
C2' ANP B . 0.96 12.22 0.32
O2' ANP B . 1.29 12.63 1.62
C1' ANP B . 0.55 13.44 -0.48
N9 ANP B . -0.53 12.97 -1.33
C8 ANP B . -0.41 12.22 -2.42
N7 ANP B . -1.58 12.01 -3.02
C5 ANP B . -2.48 12.61 -2.22
C6 ANP B . -3.93 12.67 -2.28
N6 ANP B . -4.56 12.06 -3.31
N1 ANP B . -4.51 13.37 -1.32
C2 ANP B . -3.81 13.99 -0.30
N3 ANP B . -2.45 13.89 -0.17
C4 ANP B . -1.81 13.24 -1.10
#